data_5Y35
#
_entry.id   5Y35
#
_cell.length_a   82.836
_cell.length_b   85.105
_cell.length_c   103.046
_cell.angle_alpha   90.000
_cell.angle_beta   90.000
_cell.angle_gamma   90.000
#
_symmetry.space_group_name_H-M   'P 21 21 21'
#
loop_
_entity.id
_entity.type
_entity.pdbx_description
1 polymer 'Phosphoglycerate mutase 1'
2 non-polymer 'CHLORIDE ION'
3 non-polymer '2-(N-MORPHOLINO)-ETHANESULFONIC ACID'
4 non-polymer ~{N}-[3,4-bis(oxidanyl)-9,10-bis(oxidanylidene)anthracen-2-yl]-4-methyl-benzenesulfonamide
5 water water
#
_entity_poly.entity_id   1
_entity_poly.type   'polypeptide(L)'
_entity_poly.pdbx_seq_one_letter_code
;MAAYKLVLIRHGESAWNLENRFSGWYDADLSPAGHEEAKRGGQALRDAGYEFDICFTSVQKRAIRTLWTVLDAIDQMWLP
VVRTWRLNERHYGGLTGLNKAETAAKHGEAQVKIWRRSYDVPPPPMEPDHPFYSNISKDRRYADLTEDQLPSCESLKDTI
ARALPFWNEEIVPQIKEGKRVLIAAHGNSLRGIVKHLEGLSEEAIMELNLPTGIPIVYELDKNLKPIKPMQFLGDEETVR
KAMEAVAAQGKAKKLEHHHHHH
;
_entity_poly.pdbx_strand_id   B,C
#
loop_
_chem_comp.id
_chem_comp.type
_chem_comp.name
_chem_comp.formula
8LF non-polymer ~{N}-[3,4-bis(oxidanyl)-9,10-bis(oxidanylidene)anthracen-2-yl]-4-methyl-benzenesulfonamide 'C21 H15 N O6 S'
CL non-polymer 'CHLORIDE ION' 'Cl -1'
MES non-polymer '2-(N-MORPHOLINO)-ETHANESULFONIC ACID' 'C6 H13 N O4 S'
#
# COMPACT_ATOMS: atom_id res chain seq x y z
N ALA A 3 -24.87 13.46 -0.70
CA ALA A 3 -25.09 12.24 -1.48
C ALA A 3 -23.81 11.40 -1.50
N TYR A 4 -22.96 11.60 -0.50
CA TYR A 4 -21.66 10.92 -0.41
C TYR A 4 -21.82 9.41 -0.43
N LYS A 5 -20.81 8.72 -0.92
CA LYS A 5 -20.82 7.27 -0.94
C LYS A 5 -19.59 6.81 -0.16
N LEU A 6 -19.81 5.88 0.77
CA LEU A 6 -18.76 5.37 1.64
C LEU A 6 -18.77 3.85 1.57
N VAL A 7 -17.61 3.22 1.43
CA VAL A 7 -17.61 1.74 1.42
C VAL A 7 -16.73 1.18 2.53
N LEU A 8 -17.28 0.23 3.27
CA LEU A 8 -16.53 -0.47 4.32
C LEU A 8 -16.33 -1.91 3.90
N ILE A 9 -15.25 -2.53 4.33
CA ILE A 9 -15.11 -3.96 4.20
C ILE A 9 -14.34 -4.54 5.38
N ARG A 10 -14.94 -5.58 5.97
CA ARG A 10 -14.36 -6.33 7.06
C ARG A 10 -13.62 -7.51 6.47
N HIS A 11 -12.40 -7.76 6.93
CA HIS A 11 -11.62 -8.86 6.41
C HIS A 11 -12.23 -10.21 6.80
N GLY A 12 -11.89 -11.23 6.02
CA GLY A 12 -12.34 -12.59 6.28
C GLY A 12 -11.45 -13.40 7.19
N GLU A 13 -11.44 -14.71 6.96
CA GLU A 13 -10.82 -15.68 7.86
C GLU A 13 -9.30 -15.53 7.94
N SER A 14 -8.79 -15.56 9.17
CA SER A 14 -7.35 -15.54 9.37
C SER A 14 -6.85 -16.95 9.65
N ALA A 15 -5.54 -17.14 9.56
CA ALA A 15 -4.87 -18.42 9.76
C ALA A 15 -5.06 -19.08 11.12
N TRP A 16 -4.99 -20.40 11.14
CA TRP A 16 -4.98 -21.18 12.38
C TRP A 16 -6.26 -20.96 13.20
N ASN A 17 -7.35 -20.59 12.53
CA ASN A 17 -8.66 -20.39 13.19
C ASN A 17 -8.60 -19.26 14.21
N LEU A 18 -7.72 -18.28 13.96
CA LEU A 18 -7.48 -17.22 14.94
C LEU A 18 -8.68 -16.27 15.14
N GLU A 19 -9.57 -16.16 14.16
CA GLU A 19 -10.75 -15.30 14.37
C GLU A 19 -11.72 -15.95 15.35
N ASN A 20 -11.46 -17.20 15.71
CA ASN A 20 -12.32 -17.87 16.70
C ASN A 20 -11.51 -18.07 17.96
N ARG A 21 -10.34 -17.44 17.97
CA ARG A 21 -9.40 -17.45 19.09
C ARG A 21 -8.98 -16.05 19.55
N PHE A 22 -9.89 -15.07 19.47
CA PHE A 22 -9.59 -13.71 19.91
C PHE A 22 -8.30 -13.15 19.32
N SER A 23 -8.11 -13.33 18.02
CA SER A 23 -6.93 -12.82 17.30
C SER A 23 -6.49 -11.43 17.86
N GLY A 24 -7.41 -10.48 17.94
CA GLY A 24 -7.11 -9.19 18.53
C GLY A 24 -5.94 -8.47 17.88
N TRP A 25 -4.97 -8.04 18.67
CA TRP A 25 -3.77 -7.37 18.14
C TRP A 25 -2.67 -8.32 17.68
N TYR A 26 -2.85 -9.64 17.83
CA TYR A 26 -1.89 -10.56 17.20
C TYR A 26 -2.01 -10.43 15.68
N ASP A 27 -0.86 -10.35 14.99
CA ASP A 27 -0.84 -9.99 13.57
C ASP A 27 -1.02 -11.20 12.66
N ALA A 28 -2.16 -11.86 12.80
CA ALA A 28 -2.48 -13.04 12.02
C ALA A 28 -2.72 -12.68 10.54
N ASP A 29 -2.21 -13.51 9.64
CA ASP A 29 -2.45 -13.33 8.22
C ASP A 29 -3.80 -13.93 7.85
N LEU A 30 -4.29 -13.57 6.68
CA LEU A 30 -5.44 -14.27 6.10
C LEU A 30 -5.12 -15.73 5.81
N SER A 31 -6.13 -16.59 5.95
CA SER A 31 -6.05 -17.94 5.40
C SER A 31 -6.31 -17.83 3.89
N PRO A 32 -5.98 -18.88 3.12
CA PRO A 32 -6.33 -18.87 1.69
C PRO A 32 -7.81 -18.54 1.48
N ALA A 33 -8.68 -19.07 2.31
CA ALA A 33 -10.11 -18.77 2.22
C ALA A 33 -10.50 -17.31 2.52
N GLY A 34 -9.84 -16.67 3.50
CA GLY A 34 -10.11 -15.26 3.81
C GLY A 34 -9.65 -14.36 2.67
N HIS A 35 -8.56 -14.80 2.07
CA HIS A 35 -8.05 -14.14 0.88
C HIS A 35 -9.03 -14.27 -0.29
N GLU A 36 -9.57 -15.48 -0.52
CA GLU A 36 -10.59 -15.66 -1.56
C GLU A 36 -11.84 -14.84 -1.30
N GLU A 37 -12.25 -14.72 -0.03
CA GLU A 37 -13.36 -13.82 0.33
C GLU A 37 -13.04 -12.40 -0.10
N ALA A 38 -11.78 -12.00 0.16
CA ALA A 38 -11.41 -10.65 -0.26
C ALA A 38 -11.49 -10.51 -1.80
N LYS A 39 -11.07 -11.54 -2.52
CA LYS A 39 -11.15 -11.49 -3.99
C LYS A 39 -12.58 -11.35 -4.47
N ARG A 40 -13.50 -12.07 -3.83
CA ARG A 40 -14.90 -11.97 -4.21
C ARG A 40 -15.43 -10.58 -3.93
N GLY A 41 -15.09 -10.01 -2.77
CA GLY A 41 -15.47 -8.63 -2.51
C GLY A 41 -15.00 -7.64 -3.57
N GLY A 42 -13.71 -7.73 -3.88
CA GLY A 42 -13.11 -6.92 -4.93
C GLY A 42 -13.88 -7.06 -6.23
N GLN A 43 -14.20 -8.31 -6.55
CA GLN A 43 -14.89 -8.72 -7.77
C GLN A 43 -16.25 -8.03 -7.88
N ALA A 44 -16.97 -8.05 -6.76
CA ALA A 44 -18.27 -7.40 -6.69
C ALA A 44 -18.14 -5.89 -6.87
N LEU A 45 -17.11 -5.30 -6.27
CA LEU A 45 -16.92 -3.86 -6.42
C LEU A 45 -16.58 -3.48 -7.86
N ARG A 46 -15.80 -4.32 -8.52
CA ARG A 46 -15.45 -4.13 -9.92
C ARG A 46 -16.68 -4.22 -10.82
N ASP A 47 -17.49 -5.26 -10.59
CA ASP A 47 -18.71 -5.48 -11.38
C ASP A 47 -19.67 -4.31 -11.26
N ALA A 48 -19.61 -3.58 -10.15
CA ALA A 48 -20.52 -2.46 -9.95
C ALA A 48 -19.88 -1.15 -10.34
N GLY A 49 -18.63 -1.21 -10.82
CA GLY A 49 -17.95 -0.02 -11.33
C GLY A 49 -17.57 1.01 -10.29
N TYR A 50 -17.28 0.55 -9.07
CA TYR A 50 -16.92 1.47 -7.99
C TYR A 50 -15.55 2.11 -8.18
N GLU A 51 -15.47 3.39 -7.87
CA GLU A 51 -14.22 4.14 -7.94
C GLU A 51 -13.98 4.80 -6.59
N PHE A 52 -12.74 4.72 -6.12
CA PHE A 52 -12.38 5.39 -4.88
C PHE A 52 -11.29 6.44 -5.09
N ASP A 53 -11.09 7.30 -4.11
CA ASP A 53 -10.04 8.32 -4.21
C ASP A 53 -9.00 8.14 -3.09
N ILE A 54 -9.41 7.49 -2.01
CA ILE A 54 -8.52 7.25 -0.88
C ILE A 54 -9.00 6.07 -0.03
N CYS A 55 -8.01 5.35 0.52
CA CYS A 55 -8.29 4.16 1.31
C CYS A 55 -7.69 4.27 2.70
N PHE A 56 -8.43 3.78 3.69
CA PHE A 56 -7.93 3.68 5.06
C PHE A 56 -7.95 2.25 5.54
N THR A 57 -6.94 1.87 6.31
CA THR A 57 -6.87 0.54 6.87
C THR A 57 -6.09 0.55 8.18
N SER A 58 -6.02 -0.59 8.83
CA SER A 58 -5.30 -0.68 10.11
C SER A 58 -3.82 -0.94 9.85
N VAL A 59 -3.06 -1.27 10.90
CA VAL A 59 -1.69 -1.72 10.67
C VAL A 59 -1.59 -3.24 10.80
N GLN A 60 -2.72 -3.93 10.70
CA GLN A 60 -2.71 -5.38 10.79
C GLN A 60 -2.80 -6.02 9.41
N LYS A 61 -1.91 -6.98 9.16
CA LYS A 61 -1.76 -7.47 7.78
C LYS A 61 -3.01 -8.16 7.22
N ARG A 62 -3.87 -8.73 8.06
CA ARG A 62 -5.07 -9.35 7.48
C ARG A 62 -6.01 -8.31 6.82
N ALA A 63 -6.10 -7.14 7.45
CA ALA A 63 -6.84 -6.02 6.88
C ALA A 63 -6.11 -5.43 5.66
N ILE A 64 -4.81 -5.23 5.80
CA ILE A 64 -4.03 -4.65 4.70
C ILE A 64 -4.07 -5.54 3.45
N ARG A 65 -3.92 -6.85 3.65
CA ARG A 65 -3.96 -7.78 2.53
C ARG A 65 -5.36 -7.80 1.92
N THR A 66 -6.38 -7.66 2.78
CA THR A 66 -7.73 -7.53 2.23
C THR A 66 -7.84 -6.31 1.29
N LEU A 67 -7.33 -5.17 1.75
CA LEU A 67 -7.31 -3.96 0.93
C LEU A 67 -6.56 -4.18 -0.38
N TRP A 68 -5.35 -4.73 -0.31
CA TRP A 68 -4.52 -5.01 -1.49
C TRP A 68 -5.26 -5.86 -2.51
N THR A 69 -5.92 -6.90 -2.01
CA THR A 69 -6.66 -7.81 -2.84
C THR A 69 -7.80 -7.05 -3.56
N VAL A 70 -8.47 -6.18 -2.81
CA VAL A 70 -9.56 -5.38 -3.39
C VAL A 70 -9.08 -4.38 -4.46
N LEU A 71 -8.02 -3.64 -4.16
CA LEU A 71 -7.47 -2.69 -5.11
C LEU A 71 -6.99 -3.40 -6.35
N ASP A 72 -6.37 -4.56 -6.17
CA ASP A 72 -5.94 -5.38 -7.29
C ASP A 72 -7.14 -5.76 -8.16
N ALA A 73 -8.21 -6.25 -7.55
CA ALA A 73 -9.36 -6.68 -8.37
C ALA A 73 -10.03 -5.53 -9.11
N ILE A 74 -10.03 -4.32 -8.53
CA ILE A 74 -10.70 -3.21 -9.18
C ILE A 74 -9.72 -2.32 -9.97
N ASP A 75 -8.47 -2.78 -10.10
CA ASP A 75 -7.44 -2.05 -10.86
C ASP A 75 -7.24 -0.62 -10.39
N GLN A 76 -7.15 -0.45 -9.07
CA GLN A 76 -6.88 0.85 -8.47
C GLN A 76 -5.75 0.74 -7.44
N MET A 77 -4.69 0.03 -7.82
CA MET A 77 -3.51 -0.12 -6.95
C MET A 77 -2.79 1.20 -6.72
N TRP A 78 -3.08 2.20 -7.56
CA TRP A 78 -2.42 3.48 -7.51
C TRP A 78 -3.03 4.41 -6.46
N LEU A 79 -4.13 4.01 -5.83
CA LEU A 79 -4.77 4.88 -4.85
C LEU A 79 -3.90 5.17 -3.63
N PRO A 80 -4.06 6.37 -3.07
CA PRO A 80 -3.35 6.59 -1.80
C PRO A 80 -4.00 5.76 -0.67
N VAL A 81 -3.13 5.20 0.16
CA VAL A 81 -3.53 4.33 1.26
C VAL A 81 -2.96 4.88 2.56
N VAL A 82 -3.81 5.00 3.57
CA VAL A 82 -3.40 5.47 4.88
C VAL A 82 -3.69 4.36 5.90
N ARG A 83 -2.67 3.97 6.65
CA ARG A 83 -2.79 2.90 7.67
C ARG A 83 -2.79 3.52 9.06
N THR A 84 -3.53 2.95 10.01
CA THR A 84 -3.50 3.49 11.35
C THR A 84 -3.82 2.42 12.39
N TRP A 85 -3.06 2.42 13.49
CA TRP A 85 -3.36 1.54 14.63
C TRP A 85 -4.76 1.78 15.18
N ARG A 86 -5.29 2.99 15.00
CA ARG A 86 -6.62 3.31 15.55
C ARG A 86 -7.75 2.53 14.89
N LEU A 87 -7.48 1.86 13.77
CA LEU A 87 -8.50 1.01 13.14
C LEU A 87 -8.25 -0.48 13.41
N ASN A 88 -7.23 -0.76 14.22
CA ASN A 88 -6.98 -2.13 14.69
C ASN A 88 -8.19 -2.80 15.32
N GLU A 89 -8.19 -4.13 15.26
CA GLU A 89 -9.10 -4.95 16.00
C GLU A 89 -9.04 -4.59 17.48
N ARG A 90 -10.12 -4.91 18.19
CA ARG A 90 -10.18 -4.82 19.64
C ARG A 90 -9.03 -5.62 20.26
N HIS A 91 -8.36 -5.05 21.27
CA HIS A 91 -7.28 -5.78 21.94
C HIS A 91 -7.88 -6.66 23.03
N TYR A 92 -7.79 -7.98 22.86
CA TYR A 92 -8.50 -8.88 23.77
C TYR A 92 -7.65 -9.32 24.96
N GLY A 93 -6.53 -8.65 25.18
CA GLY A 93 -5.75 -8.85 26.39
C GLY A 93 -5.28 -10.28 26.60
N GLY A 94 -5.38 -10.77 27.84
CA GLY A 94 -4.97 -12.13 28.16
C GLY A 94 -5.72 -13.23 27.41
N LEU A 95 -6.89 -12.91 26.87
CA LEU A 95 -7.68 -13.91 26.12
C LEU A 95 -7.14 -14.19 24.72
N THR A 96 -6.28 -13.30 24.23
CA THR A 96 -5.77 -13.35 22.86
C THR A 96 -5.13 -14.69 22.55
N GLY A 97 -5.56 -15.31 21.45
CA GLY A 97 -5.04 -16.63 21.08
C GLY A 97 -5.79 -17.82 21.66
N LEU A 98 -6.63 -17.61 22.66
CA LEU A 98 -7.35 -18.73 23.28
C LEU A 98 -8.64 -19.10 22.55
N ASN A 99 -8.96 -20.38 22.45
CA ASN A 99 -10.26 -20.75 21.89
C ASN A 99 -11.33 -20.69 23.00
N LYS A 100 -12.56 -21.03 22.63
CA LYS A 100 -13.72 -20.92 23.53
C LYS A 100 -13.58 -21.78 24.78
N ALA A 101 -13.24 -23.05 24.55
CA ALA A 101 -13.05 -24.00 25.62
C ALA A 101 -11.94 -23.56 26.59
N GLU A 102 -10.82 -23.08 26.07
CA GLU A 102 -9.72 -22.66 26.94
C GLU A 102 -10.12 -21.41 27.74
N THR A 103 -10.87 -20.52 27.11
CA THR A 103 -11.31 -19.30 27.76
C THR A 103 -12.21 -19.65 28.94
N ALA A 104 -13.19 -20.52 28.69
CA ALA A 104 -14.09 -20.94 29.77
C ALA A 104 -13.39 -21.77 30.85
N ALA A 105 -12.48 -22.65 30.44
CA ALA A 105 -11.70 -23.44 31.40
C ALA A 105 -10.94 -22.54 32.33
N LYS A 106 -10.40 -21.46 31.77
CA LYS A 106 -9.53 -20.60 32.55
C LYS A 106 -10.29 -19.59 33.42
N HIS A 107 -11.43 -19.10 32.94
CA HIS A 107 -12.10 -18.03 33.67
C HIS A 107 -13.51 -18.36 34.19
N GLY A 108 -14.07 -19.48 33.74
CA GLY A 108 -15.42 -19.88 34.14
C GLY A 108 -16.48 -19.28 33.27
N GLU A 109 -17.58 -20.01 33.12
CA GLU A 109 -18.66 -19.56 32.26
C GLU A 109 -19.29 -18.25 32.74
N ALA A 110 -19.38 -18.07 34.05
CA ALA A 110 -20.03 -16.87 34.60
C ALA A 110 -19.33 -15.60 34.15
N GLN A 111 -18.01 -15.58 34.34
CA GLN A 111 -17.23 -14.39 33.99
C GLN A 111 -17.21 -14.19 32.46
N VAL A 112 -17.15 -15.27 31.70
CA VAL A 112 -17.16 -15.16 30.23
C VAL A 112 -18.50 -14.60 29.73
N LYS A 113 -19.59 -15.01 30.37
CA LYS A 113 -20.91 -14.48 30.03
C LYS A 113 -20.96 -12.99 30.35
N ILE A 114 -20.42 -12.61 31.50
CA ILE A 114 -20.38 -11.19 31.84
C ILE A 114 -19.55 -10.39 30.82
N TRP A 115 -18.42 -10.93 30.37
CA TRP A 115 -17.59 -10.22 29.38
C TRP A 115 -18.27 -10.10 28.02
N ARG A 116 -18.83 -11.21 27.53
CA ARG A 116 -19.60 -11.20 26.27
C ARG A 116 -20.63 -10.08 26.24
N ARG A 117 -21.24 -9.82 27.39
CA ARG A 117 -22.39 -8.92 27.45
C ARG A 117 -22.07 -7.48 27.85
N SER A 118 -20.83 -7.21 28.23
CA SER A 118 -20.47 -5.88 28.72
C SER A 118 -19.91 -5.03 27.61
N TYR A 119 -20.33 -3.76 27.60
CA TYR A 119 -19.83 -2.77 26.66
C TYR A 119 -18.53 -2.18 27.16
N ASP A 120 -18.41 -2.16 28.47
CA ASP A 120 -17.38 -1.38 29.13
C ASP A 120 -16.48 -2.19 30.09
N VAL A 121 -16.58 -3.51 30.10
CA VAL A 121 -15.65 -4.29 30.91
C VAL A 121 -14.62 -4.98 30.03
N PRO A 122 -13.34 -4.69 30.27
CA PRO A 122 -12.28 -5.31 29.47
C PRO A 122 -11.95 -6.73 29.93
N PRO A 123 -11.29 -7.50 29.05
CA PRO A 123 -10.74 -8.77 29.53
C PRO A 123 -9.50 -8.48 30.39
N PRO A 124 -8.90 -9.51 31.01
CA PRO A 124 -7.69 -9.25 31.80
C PRO A 124 -6.54 -8.76 30.90
N PRO A 125 -5.60 -8.02 31.47
CA PRO A 125 -4.46 -7.51 30.68
C PRO A 125 -3.63 -8.66 30.13
N MET A 126 -2.97 -8.45 29.00
CA MET A 126 -1.98 -9.39 28.52
C MET A 126 -0.71 -9.20 29.35
N GLU A 127 -0.38 -10.20 30.16
CA GLU A 127 0.76 -10.16 31.08
C GLU A 127 2.05 -10.67 30.43
N PRO A 128 3.21 -10.40 31.05
CA PRO A 128 4.47 -10.85 30.44
C PRO A 128 4.58 -12.37 30.22
N ASP A 129 3.74 -13.18 30.85
CA ASP A 129 3.81 -14.62 30.59
C ASP A 129 2.96 -15.08 29.39
N HIS A 130 2.17 -14.19 28.83
CA HIS A 130 1.36 -14.54 27.66
C HIS A 130 2.30 -14.73 26.45
N PRO A 131 2.06 -15.76 25.63
CA PRO A 131 2.96 -16.02 24.50
C PRO A 131 3.07 -14.89 23.48
N PHE A 132 2.11 -13.96 23.47
CA PHE A 132 2.14 -12.86 22.51
C PHE A 132 2.58 -11.53 23.13
N TYR A 133 2.95 -11.52 24.42
CA TYR A 133 3.21 -10.25 25.12
C TYR A 133 4.31 -9.37 24.48
N SER A 134 5.49 -9.92 24.28
CA SER A 134 6.57 -9.12 23.70
C SER A 134 6.34 -8.94 22.20
N ASN A 135 5.80 -9.98 21.56
CA ASN A 135 5.47 -9.94 20.14
C ASN A 135 4.61 -8.74 19.74
N ILE A 136 3.66 -8.38 20.61
CA ILE A 136 2.75 -7.27 20.36
C ILE A 136 3.21 -5.97 21.02
N SER A 137 3.47 -6.01 22.33
CA SER A 137 3.81 -4.77 23.03
C SER A 137 5.16 -4.18 22.62
N LYS A 138 6.07 -5.00 22.08
CA LYS A 138 7.38 -4.47 21.68
C LYS A 138 7.49 -4.36 20.14
N ASP A 139 6.38 -4.58 19.44
CA ASP A 139 6.37 -4.46 17.99
C ASP A 139 6.69 -3.03 17.58
N ARG A 140 7.61 -2.90 16.63
CA ARG A 140 8.11 -1.61 16.18
C ARG A 140 7.01 -0.70 15.64
N ARG A 141 5.95 -1.28 15.09
CA ARG A 141 4.90 -0.46 14.51
C ARG A 141 4.16 0.34 15.60
N TYR A 142 4.28 -0.06 16.87
CA TYR A 142 3.64 0.71 17.92
C TYR A 142 4.62 1.56 18.74
N ALA A 143 5.84 1.72 18.23
CA ALA A 143 6.91 2.35 19.02
C ALA A 143 6.65 3.82 19.35
N ASP A 144 5.84 4.50 18.53
CA ASP A 144 5.54 5.91 18.78
C ASP A 144 4.31 6.11 19.66
N LEU A 145 3.63 5.02 20.02
CA LEU A 145 2.45 5.16 20.85
C LEU A 145 2.89 5.48 22.27
N THR A 146 2.15 6.37 22.92
CA THR A 146 2.45 6.68 24.30
C THR A 146 2.08 5.49 25.17
N GLU A 147 2.40 5.63 26.45
CA GLU A 147 2.12 4.65 27.50
CA GLU A 147 2.13 4.57 27.42
C GLU A 147 0.64 4.29 27.61
N ASP A 148 -0.19 5.32 27.63
CA ASP A 148 -1.62 5.14 27.83
C ASP A 148 -2.31 4.72 26.54
N GLN A 149 -1.65 4.95 25.41
CA GLN A 149 -2.25 4.68 24.11
C GLN A 149 -2.15 3.21 23.72
N LEU A 150 -1.05 2.57 24.09
CA LEU A 150 -0.85 1.17 23.75
C LEU A 150 -1.56 0.27 24.78
N PRO A 151 -2.66 -0.36 24.37
CA PRO A 151 -3.52 -1.11 25.31
C PRO A 151 -2.90 -2.44 25.74
N SER A 152 -3.22 -2.88 26.95
CA SER A 152 -2.86 -4.22 27.40
C SER A 152 -4.11 -5.09 27.23
N CYS A 153 -5.23 -4.41 27.01
CA CYS A 153 -6.56 -5.01 26.93
C CYS A 153 -7.55 -3.89 26.61
N GLU A 154 -8.68 -4.23 25.99
CA GLU A 154 -9.69 -3.23 25.65
C GLU A 154 -11.11 -3.72 25.87
N SER A 155 -11.97 -2.87 26.45
CA SER A 155 -13.39 -3.10 26.33
C SER A 155 -13.79 -2.62 24.93
N LEU A 156 -15.00 -2.99 24.48
CA LEU A 156 -15.47 -2.48 23.20
C LEU A 156 -15.52 -0.95 23.21
N LYS A 157 -15.87 -0.40 24.38
CA LYS A 157 -15.93 1.04 24.58
C LYS A 157 -14.58 1.70 24.32
N ASP A 158 -13.52 1.11 24.86
CA ASP A 158 -12.13 1.54 24.62
C ASP A 158 -11.80 1.55 23.12
N THR A 159 -12.15 0.45 22.45
CA THR A 159 -11.84 0.26 21.03
C THR A 159 -12.46 1.38 20.22
N ILE A 160 -13.76 1.56 20.44
CA ILE A 160 -14.47 2.63 19.74
C ILE A 160 -13.91 4.02 20.10
N ALA A 161 -13.55 4.21 21.36
CA ALA A 161 -13.01 5.50 21.82
C ALA A 161 -11.70 5.84 21.12
N ARG A 162 -10.87 4.86 20.79
CA ARG A 162 -9.67 5.25 20.05
C ARG A 162 -9.83 5.18 18.52
N ALA A 163 -10.88 4.53 18.02
CA ALA A 163 -11.13 4.59 16.57
C ALA A 163 -11.77 5.92 16.12
N LEU A 164 -12.74 6.42 16.89
CA LEU A 164 -13.51 7.59 16.42
C LEU A 164 -12.70 8.91 16.21
N PRO A 165 -11.67 9.16 17.04
CA PRO A 165 -10.80 10.30 16.77
C PRO A 165 -10.14 10.24 15.38
N PHE A 166 -9.76 9.05 14.90
CA PHE A 166 -9.20 8.95 13.54
C PHE A 166 -10.30 9.24 12.53
N TRP A 167 -11.49 8.69 12.77
CA TRP A 167 -12.63 8.96 11.91
C TRP A 167 -12.89 10.46 11.76
N ASN A 168 -13.05 11.16 12.89
CA ASN A 168 -13.36 12.59 12.84
C ASN A 168 -12.25 13.46 12.26
N GLU A 169 -11.00 13.15 12.61
CA GLU A 169 -9.87 14.01 12.22
C GLU A 169 -9.31 13.71 10.82
N GLU A 170 -9.40 12.46 10.40
CA GLU A 170 -8.74 12.08 9.14
C GLU A 170 -9.73 11.67 8.05
N ILE A 171 -10.76 10.92 8.42
CA ILE A 171 -11.64 10.36 7.39
C ILE A 171 -12.73 11.36 7.01
N VAL A 172 -13.37 11.95 8.02
CA VAL A 172 -14.47 12.89 7.82
C VAL A 172 -14.09 14.05 6.87
N PRO A 173 -12.93 14.71 7.08
CA PRO A 173 -12.62 15.81 6.15
C PRO A 173 -12.47 15.35 4.71
N GLN A 174 -12.00 14.13 4.47
CA GLN A 174 -11.91 13.61 3.11
C GLN A 174 -13.29 13.45 2.50
N ILE A 175 -14.21 12.87 3.26
CA ILE A 175 -15.58 12.66 2.77
C ILE A 175 -16.25 14.00 2.45
N LYS A 176 -16.05 14.99 3.30
CA LYS A 176 -16.65 16.31 3.08
C LYS A 176 -16.05 17.02 1.86
N GLU A 177 -14.82 16.65 1.50
CA GLU A 177 -14.19 17.12 0.26
C GLU A 177 -14.68 16.40 -0.99
N GLY A 178 -15.56 15.41 -0.83
CA GLY A 178 -16.02 14.67 -1.98
C GLY A 178 -15.17 13.47 -2.37
N LYS A 179 -14.11 13.21 -1.61
CA LYS A 179 -13.28 12.05 -1.91
C LYS A 179 -14.08 10.78 -1.60
N ARG A 180 -14.03 9.81 -2.51
CA ARG A 180 -14.74 8.56 -2.28
C ARG A 180 -13.86 7.60 -1.49
N VAL A 181 -14.32 7.28 -0.29
CA VAL A 181 -13.52 6.57 0.69
C VAL A 181 -13.84 5.08 0.75
N LEU A 182 -12.76 4.28 0.81
CA LEU A 182 -12.86 2.86 1.12
C LEU A 182 -12.12 2.59 2.42
N ILE A 183 -12.78 1.90 3.35
CA ILE A 183 -12.15 1.53 4.61
C ILE A 183 -12.10 0.00 4.72
N ALA A 184 -10.91 -0.56 4.87
CA ALA A 184 -10.74 -2.00 5.05
C ALA A 184 -10.24 -2.22 6.47
N ALA A 185 -11.10 -2.76 7.33
CA ALA A 185 -10.70 -2.91 8.73
C ALA A 185 -11.27 -4.15 9.41
N HIS A 186 -11.56 -4.02 10.70
CA HIS A 186 -11.89 -5.18 11.51
C HIS A 186 -13.29 -5.04 12.10
N GLY A 187 -13.86 -6.15 12.55
CA GLY A 187 -15.18 -6.15 13.14
C GLY A 187 -15.43 -5.04 14.16
N ASN A 188 -14.57 -4.94 15.17
CA ASN A 188 -14.92 -4.01 16.26
C ASN A 188 -14.60 -2.53 15.95
N SER A 189 -13.55 -2.26 15.16
CA SER A 189 -13.30 -0.87 14.76
C SER A 189 -14.39 -0.38 13.76
N LEU A 190 -14.83 -1.29 12.90
CA LEU A 190 -15.92 -0.93 11.97
C LEU A 190 -17.23 -0.79 12.75
N ARG A 191 -17.37 -1.56 13.82
CA ARG A 191 -18.47 -1.33 14.77
C ARG A 191 -18.47 0.09 15.31
N GLY A 192 -17.29 0.59 15.68
CA GLY A 192 -17.19 1.97 16.13
C GLY A 192 -17.71 2.96 15.09
N ILE A 193 -17.23 2.77 13.87
CA ILE A 193 -17.70 3.68 12.82
C ILE A 193 -19.23 3.59 12.57
N VAL A 194 -19.76 2.38 12.45
CA VAL A 194 -21.19 2.18 12.20
C VAL A 194 -22.07 2.73 13.34
N LYS A 195 -21.61 2.56 14.57
CA LYS A 195 -22.32 3.09 15.74
C LYS A 195 -22.34 4.61 15.69
N HIS A 196 -21.21 5.22 15.31
CA HIS A 196 -21.22 6.67 15.23
C HIS A 196 -22.16 7.14 14.10
N LEU A 197 -22.10 6.51 12.94
CA LEU A 197 -22.88 6.95 11.80
C LEU A 197 -24.38 6.86 12.05
N GLU A 198 -24.81 5.74 12.63
CA GLU A 198 -26.21 5.41 12.77
C GLU A 198 -26.77 5.76 14.14
N GLY A 199 -25.90 6.20 15.05
CA GLY A 199 -26.30 6.58 16.40
C GLY A 199 -26.85 5.43 17.22
N LEU A 200 -26.27 4.25 17.08
CA LEU A 200 -26.78 3.06 17.74
C LEU A 200 -26.51 3.06 19.25
N SER A 201 -27.34 2.33 19.99
CA SER A 201 -27.12 2.15 21.43
C SER A 201 -26.01 1.11 21.67
N GLU A 202 -25.49 1.04 22.90
CA GLU A 202 -24.46 0.05 23.22
C GLU A 202 -24.97 -1.37 22.94
N GLU A 203 -26.24 -1.61 23.31
CA GLU A 203 -26.83 -2.93 23.15
C GLU A 203 -26.93 -3.31 21.68
N ALA A 204 -27.38 -2.37 20.87
CA ALA A 204 -27.56 -2.61 19.44
C ALA A 204 -26.21 -2.87 18.75
N ILE A 205 -25.18 -2.11 19.14
CA ILE A 205 -23.90 -2.26 18.47
C ILE A 205 -23.29 -3.58 18.90
N MET A 206 -23.55 -4.01 20.14
CA MET A 206 -23.04 -5.31 20.58
C MET A 206 -23.78 -6.46 19.91
N GLU A 207 -24.95 -6.19 19.35
CA GLU A 207 -25.71 -7.23 18.69
C GLU A 207 -25.45 -7.23 17.17
N LEU A 208 -24.76 -6.20 16.70
CA LEU A 208 -24.45 -6.04 15.29
C LEU A 208 -23.23 -6.84 14.85
N ASN A 209 -23.42 -7.82 13.96
CA ASN A 209 -22.30 -8.58 13.44
C ASN A 209 -22.12 -8.36 11.94
N LEU A 210 -21.15 -7.53 11.56
CA LEU A 210 -20.96 -7.22 10.15
C LEU A 210 -20.41 -8.43 9.40
N PRO A 211 -20.93 -8.69 8.21
CA PRO A 211 -20.43 -9.80 7.39
C PRO A 211 -19.00 -9.53 6.91
N THR A 212 -18.29 -10.61 6.58
CA THR A 212 -16.89 -10.53 6.17
C THR A 212 -16.76 -10.66 4.65
N GLY A 213 -15.82 -9.91 4.06
CA GLY A 213 -15.52 -10.03 2.65
C GLY A 213 -16.57 -9.44 1.71
N ILE A 214 -17.56 -8.75 2.28
CA ILE A 214 -18.65 -8.15 1.51
C ILE A 214 -18.56 -6.64 1.56
N PRO A 215 -18.55 -5.97 0.40
CA PRO A 215 -18.58 -4.51 0.44
C PRO A 215 -19.86 -4.04 1.11
N ILE A 216 -19.72 -3.14 2.08
CA ILE A 216 -20.84 -2.58 2.83
C ILE A 216 -20.95 -1.13 2.40
N VAL A 217 -22.08 -0.75 1.82
CA VAL A 217 -22.19 0.55 1.19
C VAL A 217 -23.13 1.51 1.92
N TYR A 218 -22.61 2.70 2.23
CA TYR A 218 -23.34 3.77 2.86
C TYR A 218 -23.56 4.95 1.92
N GLU A 219 -24.76 5.50 1.94
CA GLU A 219 -25.03 6.75 1.25
C GLU A 219 -25.29 7.82 2.30
N LEU A 220 -24.45 8.85 2.32
CA LEU A 220 -24.53 9.83 3.40
C LEU A 220 -24.95 11.19 2.85
N ASP A 221 -25.66 11.95 3.68
CA ASP A 221 -26.07 13.31 3.33
C ASP A 221 -24.99 14.31 3.73
N LYS A 222 -25.30 15.59 3.59
CA LYS A 222 -24.31 16.64 3.80
C LYS A 222 -23.83 16.70 5.25
N ASN A 223 -24.60 16.08 6.15
CA ASN A 223 -24.23 15.97 7.56
C ASN A 223 -23.57 14.63 7.93
N LEU A 224 -23.31 13.81 6.91
CA LEU A 224 -22.66 12.50 7.06
C LEU A 224 -23.59 11.60 7.84
N LYS A 225 -24.88 11.87 7.71
CA LYS A 225 -25.90 11.00 8.27
C LYS A 225 -26.45 10.10 7.15
N PRO A 226 -26.52 8.79 7.40
CA PRO A 226 -27.02 7.86 6.40
C PRO A 226 -28.45 8.20 5.97
N ILE A 227 -28.77 8.04 4.69
CA ILE A 227 -30.08 8.39 4.18
C ILE A 227 -30.93 7.14 3.97
N LYS A 228 -30.30 5.98 4.14
CA LYS A 228 -30.97 4.69 4.05
C LYS A 228 -30.09 3.65 4.76
N PRO A 229 -30.64 2.46 5.05
CA PRO A 229 -29.76 1.48 5.73
C PRO A 229 -28.59 1.06 4.86
N MET A 230 -27.55 0.54 5.51
CA MET A 230 -26.38 0.03 4.83
C MET A 230 -26.80 -1.03 3.81
N GLN A 231 -26.15 -1.04 2.66
CA GLN A 231 -26.43 -2.05 1.63
C GLN A 231 -25.23 -2.93 1.42
N PHE A 232 -25.50 -4.21 1.18
CA PHE A 232 -24.44 -5.16 0.98
C PHE A 232 -24.31 -5.42 -0.51
N LEU A 233 -23.08 -5.60 -0.94
CA LEU A 233 -22.76 -5.66 -2.34
C LEU A 233 -22.31 -7.08 -2.70
N GLY A 234 -22.85 -7.64 -3.78
CA GLY A 234 -22.47 -8.98 -4.20
C GLY A 234 -23.49 -9.57 -5.16
N ASP A 235 -23.44 -10.88 -5.39
CA ASP A 235 -24.46 -11.55 -6.19
C ASP A 235 -25.75 -11.75 -5.38
N ALA B 2 27.49 4.68 7.97
CA ALA B 2 27.27 6.10 7.68
C ALA B 2 26.01 6.61 8.39
N ALA B 3 25.74 7.89 8.24
CA ALA B 3 24.59 8.49 8.93
C ALA B 3 23.27 7.89 8.45
N TYR B 4 23.15 7.72 7.13
CA TYR B 4 21.87 7.30 6.53
C TYR B 4 22.00 6.10 5.60
N LYS B 5 20.93 5.34 5.47
CA LYS B 5 20.91 4.21 4.55
C LYS B 5 19.71 4.31 3.62
N LEU B 6 19.91 4.15 2.32
CA LEU B 6 18.80 4.27 1.36
C LEU B 6 18.72 3.02 0.49
N VAL B 7 17.53 2.47 0.27
CA VAL B 7 17.44 1.27 -0.58
C VAL B 7 16.54 1.49 -1.81
N LEU B 8 17.05 1.13 -2.99
CA LEU B 8 16.28 1.23 -4.23
C LEU B 8 15.97 -0.16 -4.79
N ILE B 9 14.85 -0.29 -5.48
CA ILE B 9 14.62 -1.52 -6.22
C ILE B 9 13.82 -1.23 -7.48
N ARG B 10 14.37 -1.76 -8.56
CA ARG B 10 13.80 -1.67 -9.88
C ARG B 10 12.95 -2.91 -10.11
N HIS B 11 11.74 -2.72 -10.60
CA HIS B 11 10.84 -3.85 -10.85
C HIS B 11 11.38 -4.75 -11.95
N GLY B 12 10.99 -6.02 -11.94
CA GLY B 12 11.42 -6.94 -12.97
C GLY B 12 10.53 -6.92 -14.19
N GLU B 13 10.48 -8.06 -14.87
CA GLU B 13 9.87 -8.19 -16.20
C GLU B 13 8.37 -7.96 -16.18
N SER B 14 7.85 -7.16 -17.12
CA SER B 14 6.40 -6.96 -17.27
C SER B 14 5.82 -7.81 -18.39
N ALA B 15 4.49 -7.87 -18.43
CA ALA B 15 3.78 -8.58 -19.49
C ALA B 15 4.10 -7.99 -20.85
N TRP B 16 4.32 -6.68 -20.93
CA TRP B 16 4.70 -6.10 -22.22
C TRP B 16 6.17 -6.29 -22.58
N ASN B 17 7.04 -6.46 -21.59
CA ASN B 17 8.43 -6.80 -21.88
C ASN B 17 8.47 -8.10 -22.69
N LEU B 18 7.57 -9.02 -22.37
CA LEU B 18 7.55 -10.30 -23.05
C LEU B 18 7.11 -10.14 -24.50
N GLU B 19 6.25 -9.15 -24.74
CA GLU B 19 5.75 -8.78 -26.06
C GLU B 19 6.72 -7.83 -26.79
N ASN B 20 7.83 -7.50 -26.11
CA ASN B 20 8.80 -6.46 -26.54
C ASN B 20 8.13 -5.21 -27.10
N ARG B 21 7.18 -4.69 -26.32
CA ARG B 21 6.48 -3.45 -26.66
C ARG B 21 6.93 -2.38 -25.66
N PHE B 22 6.92 -1.12 -26.13
CA PHE B 22 7.21 0.05 -25.29
C PHE B 22 6.09 0.32 -24.29
N SER B 23 6.29 0.04 -23.00
CA SER B 23 5.27 0.39 -22.00
C SER B 23 5.18 1.86 -21.63
N GLY B 24 6.27 2.42 -21.10
CA GLY B 24 6.24 3.79 -20.65
C GLY B 24 5.19 3.95 -19.57
N TRP B 25 4.29 4.93 -19.73
CA TRP B 25 3.22 5.16 -18.76
C TRP B 25 2.06 4.19 -18.87
N TYR B 26 2.06 3.34 -19.90
CA TYR B 26 1.06 2.27 -19.93
C TYR B 26 1.21 1.33 -18.72
N ASP B 27 0.10 1.02 -18.05
CA ASP B 27 0.20 0.35 -16.74
C ASP B 27 0.28 -1.17 -16.84
N ALA B 28 1.32 -1.68 -17.49
CA ALA B 28 1.47 -3.14 -17.64
C ALA B 28 1.79 -3.78 -16.29
N ASP B 29 1.20 -4.95 -16.05
CA ASP B 29 1.50 -5.70 -14.82
C ASP B 29 2.80 -6.49 -14.98
N LEU B 30 3.36 -6.95 -13.86
CA LEU B 30 4.47 -7.90 -13.88
C LEU B 30 4.10 -9.22 -14.58
N SER B 31 5.08 -9.83 -15.23
CA SER B 31 4.96 -11.22 -15.67
C SER B 31 5.13 -12.09 -14.44
N PRO B 32 4.74 -13.36 -14.52
CA PRO B 32 5.02 -14.26 -13.39
C PRO B 32 6.51 -14.25 -12.99
N ALA B 33 7.40 -14.23 -13.98
CA ALA B 33 8.82 -14.21 -13.69
C ALA B 33 9.27 -12.91 -12.99
N GLY B 34 8.69 -11.78 -13.40
CA GLY B 34 9.00 -10.50 -12.76
C GLY B 34 8.50 -10.45 -11.32
N HIS B 35 7.36 -11.09 -11.09
CA HIS B 35 6.87 -11.23 -9.72
C HIS B 35 7.81 -12.10 -8.88
N GLU B 36 8.29 -13.21 -9.44
CA GLU B 36 9.29 -14.02 -8.74
C GLU B 36 10.58 -13.24 -8.45
N GLU B 37 10.98 -12.38 -9.38
CA GLU B 37 12.14 -11.50 -9.13
C GLU B 37 11.90 -10.64 -7.89
N ALA B 38 10.69 -10.08 -7.80
CA ALA B 38 10.38 -9.27 -6.62
C ALA B 38 10.44 -10.12 -5.33
N LYS B 39 9.99 -11.38 -5.43
CA LYS B 39 10.08 -12.28 -4.27
C LYS B 39 11.53 -12.54 -3.84
N ARG B 40 12.42 -12.73 -4.81
CA ARG B 40 13.83 -12.94 -4.48
C ARG B 40 14.46 -11.70 -3.85
N GLY B 41 14.18 -10.52 -4.41
CA GLY B 41 14.62 -9.29 -3.78
C GLY B 41 14.16 -9.15 -2.33
N GLY B 42 12.85 -9.34 -2.13
CA GLY B 42 12.27 -9.31 -0.80
C GLY B 42 12.99 -10.25 0.13
N GLN B 43 13.22 -11.47 -0.33
CA GLN B 43 13.94 -12.44 0.48
C GLN B 43 15.35 -11.99 0.84
N ALA B 44 16.05 -11.36 -0.09
CA ALA B 44 17.38 -10.86 0.22
C ALA B 44 17.32 -9.77 1.29
N LEU B 45 16.33 -8.90 1.23
CA LEU B 45 16.20 -7.87 2.26
C LEU B 45 15.88 -8.48 3.62
N ARG B 46 15.04 -9.51 3.60
CA ARG B 46 14.68 -10.24 4.81
C ARG B 46 15.88 -10.95 5.45
N ASP B 47 16.68 -11.64 4.65
CA ASP B 47 17.86 -12.33 5.14
C ASP B 47 18.90 -11.37 5.74
N ALA B 48 18.89 -10.12 5.30
CA ALA B 48 19.87 -9.17 5.77
C ALA B 48 19.33 -8.31 6.92
N GLY B 49 18.09 -8.58 7.34
CA GLY B 49 17.50 -7.90 8.48
C GLY B 49 17.16 -6.43 8.26
N TYR B 50 16.85 -6.05 7.02
CA TYR B 50 16.56 -4.64 6.74
C TYR B 50 15.24 -4.18 7.31
N GLU B 51 15.25 -2.97 7.84
CA GLU B 51 14.05 -2.33 8.39
C GLU B 51 13.88 -0.97 7.74
N PHE B 52 12.64 -0.66 7.35
CA PHE B 52 12.33 0.65 6.79
C PHE B 52 11.30 1.38 7.65
N ASP B 53 11.15 2.68 7.40
CA ASP B 53 10.18 3.52 8.08
C ASP B 53 9.18 4.12 7.09
N ILE B 54 9.56 4.22 5.82
CA ILE B 54 8.65 4.77 4.82
C ILE B 54 9.04 4.32 3.42
N CYS B 55 8.02 4.14 2.58
CA CYS B 55 8.23 3.65 1.23
C CYS B 55 7.68 4.58 0.17
N PHE B 56 8.40 4.73 -0.94
CA PHE B 56 7.92 5.49 -2.07
C PHE B 56 7.85 4.64 -3.32
N THR B 57 6.81 4.86 -4.11
CA THR B 57 6.69 4.14 -5.37
C THR B 57 5.92 5.00 -6.37
N SER B 58 5.79 4.51 -7.59
CA SER B 58 5.10 5.25 -8.64
C SER B 58 3.60 5.03 -8.54
N VAL B 59 2.83 5.41 -9.58
CA VAL B 59 1.42 5.01 -9.64
C VAL B 59 1.21 3.89 -10.66
N GLN B 60 2.28 3.18 -11.00
CA GLN B 60 2.20 2.06 -11.92
C GLN B 60 2.32 0.72 -11.20
N LYS B 61 1.41 -0.20 -11.52
CA LYS B 61 1.30 -1.44 -10.73
C LYS B 61 2.51 -2.35 -10.81
N ARG B 62 3.32 -2.31 -11.89
CA ARG B 62 4.49 -3.19 -11.88
C ARG B 62 5.46 -2.79 -10.75
N ALA B 63 5.57 -1.49 -10.51
CA ALA B 63 6.37 -1.00 -9.38
C ALA B 63 5.67 -1.26 -8.05
N ILE B 64 4.38 -0.93 -7.99
CA ILE B 64 3.62 -1.08 -6.75
C ILE B 64 3.58 -2.53 -6.27
N ARG B 65 3.35 -3.44 -7.21
CA ARG B 65 3.31 -4.86 -6.89
C ARG B 65 4.69 -5.33 -6.45
N THR B 66 5.74 -4.79 -7.07
CA THR B 66 7.09 -5.09 -6.56
C THR B 66 7.22 -4.66 -5.07
N LEU B 67 6.75 -3.45 -4.74
CA LEU B 67 6.78 -2.98 -3.35
C LEU B 67 5.99 -3.91 -2.43
N TRP B 68 4.76 -4.22 -2.81
CA TRP B 68 3.92 -5.11 -2.01
C TRP B 68 4.61 -6.44 -1.73
N THR B 69 5.21 -7.01 -2.78
CA THR B 69 5.90 -8.29 -2.65
C THR B 69 7.06 -8.18 -1.67
N VAL B 70 7.80 -7.07 -1.76
CA VAL B 70 8.92 -6.85 -0.84
C VAL B 70 8.44 -6.69 0.61
N LEU B 71 7.41 -5.87 0.84
CA LEU B 71 6.90 -5.65 2.20
C LEU B 71 6.37 -6.92 2.81
N ASP B 72 5.76 -7.75 1.97
CA ASP B 72 5.27 -9.05 2.38
C ASP B 72 6.44 -9.93 2.86
N ALA B 73 7.50 -9.97 2.06
CA ALA B 73 8.66 -10.82 2.38
C ALA B 73 9.40 -10.38 3.65
N ILE B 74 9.44 -9.07 3.91
CA ILE B 74 10.15 -8.60 5.09
C ILE B 74 9.21 -8.37 6.29
N ASP B 75 7.94 -8.76 6.15
CA ASP B 75 6.90 -8.61 7.19
C ASP B 75 6.77 -7.15 7.65
N GLN B 76 6.75 -6.22 6.70
CA GLN B 76 6.57 -4.81 7.00
C GLN B 76 5.47 -4.18 6.13
N MET B 77 4.38 -4.91 5.97
CA MET B 77 3.19 -4.46 5.23
C MET B 77 2.52 -3.27 5.91
N TRP B 78 2.85 -3.06 7.18
CA TRP B 78 2.25 -1.98 7.95
C TRP B 78 2.89 -0.62 7.72
N LEU B 79 4.02 -0.58 6.99
CA LEU B 79 4.72 0.70 6.74
C LEU B 79 3.88 1.71 5.95
N PRO B 80 4.13 3.00 6.19
CA PRO B 80 3.48 4.00 5.34
C PRO B 80 4.07 3.93 3.94
N VAL B 81 3.20 4.09 2.96
CA VAL B 81 3.55 4.02 1.55
C VAL B 81 3.05 5.27 0.86
N VAL B 82 3.92 5.91 0.07
CA VAL B 82 3.55 7.10 -0.69
C VAL B 82 3.73 6.84 -2.20
N ARG B 83 2.68 7.08 -3.00
CA ARG B 83 2.74 6.88 -4.45
C ARG B 83 2.79 8.21 -5.21
N THR B 84 3.57 8.27 -6.29
CA THR B 84 3.61 9.51 -7.08
C THR B 84 3.92 9.24 -8.55
N TRP B 85 3.19 9.95 -9.42
CA TRP B 85 3.44 9.92 -10.86
C TRP B 85 4.87 10.35 -11.19
N ARG B 86 5.49 11.14 -10.33
CA ARG B 86 6.85 11.63 -10.59
C ARG B 86 7.90 10.51 -10.58
N LEU B 87 7.54 9.34 -10.06
CA LEU B 87 8.47 8.21 -10.09
C LEU B 87 8.09 7.22 -11.22
N ASN B 88 7.05 7.54 -12.00
CA ASN B 88 6.68 6.75 -13.19
C ASN B 88 7.84 6.50 -14.13
N GLU B 89 7.77 5.40 -14.89
CA GLU B 89 8.69 5.15 -16.00
C GLU B 89 8.70 6.33 -16.97
N ARG B 90 9.78 6.44 -17.74
CA ARG B 90 9.81 7.39 -18.85
C ARG B 90 8.61 7.20 -19.79
N HIS B 91 8.03 8.32 -20.20
CA HIS B 91 6.89 8.33 -21.13
C HIS B 91 7.40 8.20 -22.57
N TYR B 92 7.07 7.10 -23.25
CA TYR B 92 7.66 6.88 -24.58
C TYR B 92 6.79 7.39 -25.71
N GLY B 93 5.80 8.21 -25.36
CA GLY B 93 5.04 8.96 -26.36
C GLY B 93 4.39 8.07 -27.39
N GLY B 94 4.47 8.47 -28.66
CA GLY B 94 3.88 7.70 -29.74
C GLY B 94 4.39 6.28 -29.92
N LEU B 95 5.55 5.97 -29.35
CA LEU B 95 6.09 4.61 -29.44
C LEU B 95 5.35 3.65 -28.52
N THR B 96 4.59 4.22 -27.60
CA THR B 96 3.86 3.44 -26.63
C THR B 96 2.97 2.43 -27.31
N GLY B 97 3.08 1.17 -26.90
CA GLY B 97 2.29 0.10 -27.48
C GLY B 97 2.90 -0.60 -28.69
N LEU B 98 3.90 0.02 -29.32
CA LEU B 98 4.57 -0.58 -30.47
C LEU B 98 5.66 -1.54 -30.05
N ASN B 99 5.84 -2.62 -30.81
CA ASN B 99 6.97 -3.49 -30.53
C ASN B 99 8.22 -3.06 -31.32
N LYS B 100 9.29 -3.84 -31.20
CA LYS B 100 10.57 -3.52 -31.80
C LYS B 100 10.47 -3.45 -33.33
N ALA B 101 9.82 -4.46 -33.89
CA ALA B 101 9.64 -4.53 -35.33
C ALA B 101 8.87 -3.34 -35.82
N GLU B 102 7.76 -3.01 -35.16
CA GLU B 102 6.88 -1.94 -35.65
C GLU B 102 7.59 -0.60 -35.63
N THR B 103 8.40 -0.42 -34.60
CA THR B 103 9.17 0.81 -34.42
C THR B 103 10.24 0.97 -35.50
N ALA B 104 11.04 -0.06 -35.75
CA ALA B 104 12.05 0.05 -36.82
C ALA B 104 11.38 0.16 -38.20
N ALA B 105 10.29 -0.58 -38.42
CA ALA B 105 9.56 -0.50 -39.69
C ALA B 105 9.04 0.91 -39.97
N LYS B 106 8.48 1.57 -38.95
CA LYS B 106 7.90 2.91 -39.18
C LYS B 106 8.94 4.04 -39.18
N HIS B 107 9.99 3.89 -38.38
CA HIS B 107 10.94 5.02 -38.21
C HIS B 107 12.34 4.77 -38.76
N GLY B 108 12.66 3.51 -39.07
CA GLY B 108 13.99 3.19 -39.58
C GLY B 108 15.01 2.95 -38.48
N GLU B 109 16.03 2.14 -38.76
CA GLU B 109 17.05 1.83 -37.76
C GLU B 109 17.86 3.07 -37.34
N ALA B 110 18.11 3.96 -38.28
CA ALA B 110 18.92 5.14 -37.99
C ALA B 110 18.23 5.96 -36.89
N GLN B 111 16.95 6.24 -37.08
CA GLN B 111 16.20 7.07 -36.14
C GLN B 111 16.02 6.44 -34.77
N VAL B 112 15.77 5.13 -34.74
CA VAL B 112 15.62 4.47 -33.45
C VAL B 112 16.96 4.44 -32.71
N LYS B 113 18.06 4.30 -33.47
CA LYS B 113 19.39 4.33 -32.87
C LYS B 113 19.64 5.71 -32.26
N ILE B 114 19.22 6.74 -32.98
CA ILE B 114 19.32 8.12 -32.49
C ILE B 114 18.52 8.35 -31.22
N TRP B 115 17.30 7.83 -31.15
CA TRP B 115 16.48 8.02 -29.95
C TRP B 115 17.14 7.28 -28.79
N ARG B 116 17.53 6.05 -29.04
CA ARG B 116 18.24 5.26 -28.04
C ARG B 116 19.47 5.92 -27.38
N ARG B 117 20.29 6.60 -28.19
CA ARG B 117 21.59 7.11 -27.75
C ARG B 117 21.50 8.55 -27.26
N SER B 118 20.31 9.13 -27.35
CA SER B 118 20.16 10.53 -26.96
C SER B 118 19.66 10.68 -25.52
N TYR B 119 20.25 11.66 -24.83
CA TYR B 119 19.87 12.03 -23.48
C TYR B 119 18.68 12.96 -23.51
N ASP B 120 18.59 13.75 -24.58
CA ASP B 120 17.65 14.86 -24.59
C ASP B 120 16.75 14.95 -25.82
N VAL B 121 16.73 13.94 -26.68
CA VAL B 121 15.76 13.95 -27.77
C VAL B 121 14.61 13.03 -27.43
N PRO B 122 13.40 13.59 -27.34
CA PRO B 122 12.27 12.75 -27.02
C PRO B 122 11.79 11.98 -28.24
N PRO B 123 11.03 10.90 -28.00
CA PRO B 123 10.35 10.21 -29.09
C PRO B 123 9.16 11.06 -29.55
N PRO B 124 8.45 10.64 -30.60
CA PRO B 124 7.32 11.46 -31.02
C PRO B 124 6.23 11.56 -29.94
N PRO B 125 5.46 12.65 -29.95
CA PRO B 125 4.38 12.80 -28.97
C PRO B 125 3.26 11.79 -29.13
N MET B 126 2.63 11.41 -28.02
CA MET B 126 1.41 10.62 -28.07
C MET B 126 0.25 11.54 -28.39
N GLU B 127 -0.24 11.47 -29.63
CA GLU B 127 -1.30 12.34 -30.11
C GLU B 127 -2.68 11.77 -29.79
N PRO B 128 -3.74 12.60 -29.90
CA PRO B 128 -5.08 12.12 -29.53
C PRO B 128 -5.61 10.93 -30.31
N ASP B 129 -5.07 10.63 -31.50
CA ASP B 129 -5.53 9.46 -32.26
C ASP B 129 -4.74 8.20 -31.89
N HIS B 130 -3.79 8.32 -30.97
CA HIS B 130 -2.99 7.18 -30.55
C HIS B 130 -3.90 6.21 -29.78
N PRO B 131 -3.74 4.90 -30.01
CA PRO B 131 -4.64 3.92 -29.38
C PRO B 131 -4.59 3.86 -27.85
N PHE B 132 -3.51 4.35 -27.24
CA PHE B 132 -3.45 4.37 -25.78
C PHE B 132 -3.59 5.78 -25.20
N TYR B 133 -3.93 6.74 -26.06
CA TYR B 133 -4.04 8.14 -25.64
C TYR B 133 -5.02 8.34 -24.50
N SER B 134 -6.24 7.85 -24.65
CA SER B 134 -7.20 8.07 -23.59
C SER B 134 -6.86 7.18 -22.40
N ASN B 135 -6.43 5.95 -22.68
CA ASN B 135 -6.01 5.02 -21.62
C ASN B 135 -4.97 5.64 -20.67
N ILE B 136 -4.06 6.44 -21.19
CA ILE B 136 -3.04 7.05 -20.33
C ILE B 136 -3.32 8.51 -19.99
N SER B 137 -3.44 9.36 -21.01
CA SER B 137 -3.60 10.79 -20.80
C SER B 137 -4.91 11.19 -20.12
N LYS B 138 -5.93 10.35 -20.25
CA LYS B 138 -7.23 10.61 -19.60
C LYS B 138 -7.48 9.77 -18.36
N ASP B 139 -6.48 9.01 -17.93
CA ASP B 139 -6.64 8.26 -16.68
C ASP B 139 -6.79 9.24 -15.52
N ARG B 140 -7.82 9.04 -14.71
CA ARG B 140 -8.12 9.97 -13.60
C ARG B 140 -6.97 10.10 -12.60
N ARG B 141 -6.06 9.12 -12.58
CA ARG B 141 -4.93 9.19 -11.64
C ARG B 141 -4.02 10.40 -11.91
N TYR B 142 -4.11 10.95 -13.12
CA TYR B 142 -3.34 12.15 -13.47
C TYR B 142 -4.21 13.42 -13.50
N ALA B 143 -5.40 13.37 -12.89
CA ALA B 143 -6.36 14.48 -12.96
C ALA B 143 -5.87 15.77 -12.26
N ASP B 144 -4.98 15.63 -11.27
CA ASP B 144 -4.49 16.80 -10.54
C ASP B 144 -3.24 17.42 -11.18
N LEU B 145 -2.77 16.81 -12.26
CA LEU B 145 -1.62 17.35 -12.99
C LEU B 145 -2.03 18.58 -13.80
N THR B 146 -1.17 19.59 -13.88
CA THR B 146 -1.41 20.73 -14.77
C THR B 146 -1.22 20.27 -16.23
N GLU B 147 -1.46 21.16 -17.18
CA GLU B 147 -1.18 20.87 -18.58
C GLU B 147 0.31 20.69 -18.87
N ASP B 148 1.15 21.43 -18.16
CA ASP B 148 2.58 21.41 -18.43
C ASP B 148 3.24 20.19 -17.78
N GLN B 149 2.56 19.60 -16.80
CA GLN B 149 3.13 18.48 -16.05
C GLN B 149 2.90 17.13 -16.74
N LEU B 150 1.76 17.00 -17.41
CA LEU B 150 1.39 15.78 -18.08
C LEU B 150 2.07 15.70 -19.44
N PRO B 151 3.07 14.81 -19.57
CA PRO B 151 3.89 14.70 -20.77
C PRO B 151 3.14 14.01 -21.91
N SER B 152 3.48 14.37 -23.14
CA SER B 152 2.98 13.67 -24.31
C SER B 152 4.07 12.70 -24.76
N CYS B 153 5.24 12.90 -24.19
CA CYS B 153 6.47 12.16 -24.53
C CYS B 153 7.57 12.72 -23.63
N GLU B 154 8.61 11.93 -23.40
CA GLU B 154 9.72 12.35 -22.56
C GLU B 154 11.07 11.92 -23.10
N SER B 155 12.03 12.82 -23.06
CA SER B 155 13.42 12.44 -23.16
C SER B 155 13.82 11.92 -21.79
N LEU B 156 14.98 11.26 -21.67
CA LEU B 156 15.47 10.85 -20.36
C LEU B 156 15.65 12.10 -19.49
N LYS B 157 16.10 13.19 -20.12
CA LYS B 157 16.26 14.46 -19.44
C LYS B 157 14.93 14.93 -18.83
N ASP B 158 13.85 14.86 -19.59
CA ASP B 158 12.52 15.19 -19.06
C ASP B 158 12.16 14.33 -17.85
N THR B 159 12.37 13.03 -17.99
CA THR B 159 11.99 12.08 -16.94
C THR B 159 12.69 12.45 -15.65
N ILE B 160 14.00 12.63 -15.75
CA ILE B 160 14.80 13.00 -14.59
C ILE B 160 14.38 14.36 -14.03
N ALA B 161 14.07 15.29 -14.92
CA ALA B 161 13.65 16.62 -14.53
C ALA B 161 12.36 16.61 -13.72
N ARG B 162 11.45 15.67 -14.00
CA ARG B 162 10.24 15.64 -13.18
C ARG B 162 10.33 14.68 -12.01
N ALA B 163 11.34 13.80 -12.00
CA ALA B 163 11.53 12.96 -10.83
C ALA B 163 12.23 13.70 -9.67
N LEU B 164 13.23 14.50 -10.01
CA LEU B 164 14.05 15.13 -8.96
C LEU B 164 13.33 16.10 -7.99
N PRO B 165 12.30 16.84 -8.45
CA PRO B 165 11.52 17.63 -7.49
C PRO B 165 10.89 16.79 -6.39
N PHE B 166 10.42 15.59 -6.72
CA PHE B 166 9.86 14.74 -5.68
C PHE B 166 10.94 14.32 -4.71
N TRP B 167 12.09 13.94 -5.26
CA TRP B 167 13.24 13.58 -4.45
C TRP B 167 13.61 14.70 -3.47
N ASN B 168 13.81 15.91 -3.98
CA ASN B 168 14.21 17.03 -3.12
C ASN B 168 13.12 17.47 -2.12
N GLU B 169 11.87 17.48 -2.56
CA GLU B 169 10.80 18.06 -1.75
C GLU B 169 10.16 17.06 -0.79
N GLU B 170 10.12 15.78 -1.15
CA GLU B 170 9.43 14.79 -0.29
C GLU B 170 10.31 13.72 0.34
N ILE B 171 11.33 13.22 -0.37
CA ILE B 171 12.10 12.08 0.13
C ILE B 171 13.29 12.57 0.98
N VAL B 172 13.98 13.58 0.46
CA VAL B 172 15.16 14.12 1.13
C VAL B 172 14.88 14.52 2.59
N PRO B 173 13.78 15.27 2.85
CA PRO B 173 13.52 15.64 4.26
C PRO B 173 13.23 14.43 5.14
N GLN B 174 12.60 13.41 4.57
CA GLN B 174 12.33 12.19 5.32
C GLN B 174 13.63 11.52 5.71
N ILE B 175 14.59 11.49 4.79
CA ILE B 175 15.87 10.86 5.09
C ILE B 175 16.60 11.63 6.22
N LYS B 176 16.61 12.96 6.14
CA LYS B 176 17.27 13.80 7.16
C LYS B 176 16.51 13.78 8.49
N GLU B 177 15.23 13.44 8.43
CA GLU B 177 14.42 13.22 9.64
C GLU B 177 14.78 11.89 10.30
N GLY B 178 15.69 11.15 9.68
CA GLY B 178 16.13 9.86 10.17
C GLY B 178 15.34 8.66 9.66
N LYS B 179 14.34 8.90 8.81
CA LYS B 179 13.55 7.77 8.29
C LYS B 179 14.34 6.89 7.33
N ARG B 180 14.22 5.58 7.49
CA ARG B 180 14.86 4.64 6.57
C ARG B 180 13.97 4.40 5.35
N VAL B 181 14.43 4.86 4.19
CA VAL B 181 13.61 4.88 2.98
C VAL B 181 13.85 3.70 2.04
N LEU B 182 12.72 3.18 1.53
CA LEU B 182 12.71 2.21 0.45
C LEU B 182 12.01 2.84 -0.75
N ILE B 183 12.64 2.81 -1.92
CA ILE B 183 12.02 3.31 -3.15
C ILE B 183 11.89 2.16 -4.14
N ALA B 184 10.65 1.87 -4.55
CA ALA B 184 10.38 0.83 -5.54
C ALA B 184 9.89 1.52 -6.80
N ALA B 185 10.72 1.60 -7.83
CA ALA B 185 10.30 2.34 -9.02
C ALA B 185 10.83 1.70 -10.30
N HIS B 186 11.16 2.54 -11.29
CA HIS B 186 11.43 2.06 -12.65
C HIS B 186 12.85 2.41 -13.08
N GLY B 187 13.35 1.77 -14.14
CA GLY B 187 14.71 2.07 -14.61
C GLY B 187 15.07 3.54 -14.71
N ASN B 188 14.26 4.30 -15.42
CA ASN B 188 14.63 5.68 -15.74
C ASN B 188 14.37 6.71 -14.63
N SER B 189 13.33 6.51 -13.82
CA SER B 189 13.14 7.42 -12.69
C SER B 189 14.25 7.18 -11.64
N LEU B 190 14.65 5.91 -11.47
CA LEU B 190 15.72 5.59 -10.55
C LEU B 190 17.06 6.09 -11.08
N ARG B 191 17.19 6.09 -12.40
CA ARG B 191 18.34 6.73 -13.05
C ARG B 191 18.41 8.18 -12.66
N GLY B 192 17.27 8.85 -12.62
CA GLY B 192 17.25 10.22 -12.11
C GLY B 192 17.81 10.33 -10.70
N ILE B 193 17.33 9.48 -9.80
CA ILE B 193 17.86 9.56 -8.43
C ILE B 193 19.38 9.26 -8.36
N VAL B 194 19.82 8.19 -9.01
CA VAL B 194 21.23 7.83 -9.03
C VAL B 194 22.11 8.93 -9.66
N LYS B 195 21.63 9.53 -10.74
CA LYS B 195 22.42 10.58 -11.39
C LYS B 195 22.60 11.72 -10.40
N HIS B 196 21.53 12.06 -9.67
CA HIS B 196 21.65 13.13 -8.68
C HIS B 196 22.59 12.77 -7.52
N LEU B 197 22.44 11.57 -6.96
CA LEU B 197 23.22 11.16 -5.81
C LEU B 197 24.71 11.13 -6.12
N GLU B 198 25.04 10.64 -7.31
CA GLU B 198 26.45 10.40 -7.66
C GLU B 198 27.11 11.49 -8.49
N GLY B 199 26.33 12.49 -8.91
CA GLY B 199 26.83 13.57 -9.73
C GLY B 199 27.31 13.07 -11.09
N LEU B 200 26.58 12.11 -11.64
CA LEU B 200 26.98 11.48 -12.90
C LEU B 200 26.71 12.38 -14.10
N SER B 201 27.51 12.18 -15.15
CA SER B 201 27.31 12.85 -16.43
C SER B 201 26.18 12.21 -17.24
N GLU B 202 25.73 12.90 -18.28
CA GLU B 202 24.72 12.35 -19.18
C GLU B 202 25.22 11.05 -19.80
N GLU B 203 26.49 11.07 -20.18
CA GLU B 203 27.10 9.93 -20.81
C GLU B 203 27.09 8.77 -19.85
N ALA B 204 27.49 9.05 -18.60
CA ALA B 204 27.59 8.01 -17.60
C ALA B 204 26.22 7.44 -17.26
N ILE B 205 25.22 8.31 -17.14
CA ILE B 205 23.91 7.82 -16.70
C ILE B 205 23.25 7.03 -17.83
N MET B 206 23.52 7.40 -19.09
CA MET B 206 22.95 6.63 -20.20
C MET B 206 23.58 5.25 -20.36
N GLU B 207 24.75 5.03 -19.78
CA GLU B 207 25.39 3.71 -19.84
C GLU B 207 25.07 2.89 -18.59
N LEU B 208 24.41 3.52 -17.62
CA LEU B 208 24.02 2.82 -16.41
C LEU B 208 22.69 2.07 -16.56
N ASN B 209 22.72 0.74 -16.43
CA ASN B 209 21.51 -0.06 -16.41
C ASN B 209 21.37 -0.79 -15.09
N LEU B 210 20.49 -0.32 -14.23
CA LEU B 210 20.34 -0.95 -12.92
C LEU B 210 19.72 -2.32 -13.07
N PRO B 211 20.23 -3.30 -12.32
CA PRO B 211 19.65 -4.64 -12.37
C PRO B 211 18.23 -4.63 -11.81
N THR B 212 17.45 -5.61 -12.20
CA THR B 212 16.05 -5.67 -11.81
C THR B 212 15.86 -6.63 -10.66
N GLY B 213 14.98 -6.28 -9.72
CA GLY B 213 14.64 -7.18 -8.64
C GLY B 213 15.69 -7.37 -7.57
N ILE B 214 16.76 -6.58 -7.64
CA ILE B 214 17.86 -6.66 -6.71
C ILE B 214 17.84 -5.42 -5.80
N PRO B 215 17.86 -5.64 -4.48
CA PRO B 215 17.96 -4.46 -3.62
C PRO B 215 19.28 -3.72 -3.89
N ILE B 216 19.19 -2.41 -4.08
CA ILE B 216 20.34 -1.55 -4.32
C ILE B 216 20.55 -0.68 -3.08
N VAL B 217 21.73 -0.78 -2.48
CA VAL B 217 21.97 -0.18 -1.17
C VAL B 217 22.94 1.00 -1.26
N TYR B 218 22.52 2.14 -0.71
CA TYR B 218 23.37 3.32 -0.61
C TYR B 218 23.65 3.66 0.86
N GLU B 219 24.91 3.96 1.14
CA GLU B 219 25.28 4.49 2.45
C GLU B 219 25.61 5.96 2.27
N LEU B 220 24.84 6.81 2.94
CA LEU B 220 24.89 8.26 2.72
C LEU B 220 25.32 9.01 3.97
N ASP B 221 26.05 10.11 3.80
CA ASP B 221 26.40 10.97 4.92
C ASP B 221 25.26 11.96 5.10
N LYS B 222 25.39 12.89 6.04
CA LYS B 222 24.28 13.77 6.41
C LYS B 222 23.88 14.71 5.29
N ASN B 223 24.76 14.85 4.30
CA ASN B 223 24.45 15.65 3.13
C ASN B 223 23.93 14.80 1.98
N LEU B 224 23.72 13.52 2.26
CA LEU B 224 23.18 12.56 1.29
C LEU B 224 24.18 12.32 0.15
N LYS B 225 25.46 12.39 0.50
CA LYS B 225 26.54 12.00 -0.38
C LYS B 225 26.94 10.56 -0.11
N PRO B 226 26.94 9.72 -1.16
CA PRO B 226 27.34 8.33 -0.96
C PRO B 226 28.78 8.27 -0.48
N ILE B 227 29.08 7.34 0.42
CA ILE B 227 30.43 7.22 0.97
C ILE B 227 31.14 6.03 0.34
N LYS B 228 30.40 5.28 -0.47
CA LYS B 228 30.97 4.13 -1.15
C LYS B 228 30.07 3.77 -2.34
N PRO B 229 30.57 2.92 -3.25
CA PRO B 229 29.71 2.61 -4.40
C PRO B 229 28.44 1.87 -4.00
N MET B 230 27.40 1.96 -4.83
CA MET B 230 26.16 1.24 -4.59
C MET B 230 26.44 -0.26 -4.44
N GLN B 231 25.74 -0.92 -3.53
CA GLN B 231 25.90 -2.35 -3.35
C GLN B 231 24.63 -3.11 -3.66
N PHE B 232 24.80 -4.30 -4.23
CA PHE B 232 23.68 -5.11 -4.61
C PHE B 232 23.52 -6.18 -3.55
N LEU B 233 22.27 -6.55 -3.28
CA LEU B 233 21.96 -7.44 -2.19
C LEU B 233 21.46 -8.76 -2.76
N GLY B 234 22.01 -9.87 -2.28
CA GLY B 234 21.54 -11.17 -2.74
C GLY B 234 22.51 -12.27 -2.40
N ASP B 235 22.30 -13.44 -3.01
CA ASP B 235 23.26 -14.52 -2.89
C ASP B 235 24.43 -14.22 -3.82
N GLU B 236 25.49 -15.01 -3.72
CA GLU B 236 26.73 -14.73 -4.44
C GLU B 236 26.56 -14.72 -5.96
N GLU B 237 25.81 -15.69 -6.50
CA GLU B 237 25.57 -15.74 -7.94
C GLU B 237 24.75 -14.56 -8.42
N THR B 238 23.76 -14.17 -7.62
CA THR B 238 22.86 -13.08 -7.99
C THR B 238 23.53 -11.72 -7.75
CL CL C . -0.11 0.10 -0.02
O1 MES D . 14.86 0.80 -23.44
C2 MES D . 13.88 0.39 -24.39
C3 MES D . 12.47 0.30 -23.80
N4 MES D . 12.58 -0.50 -22.59
C5 MES D . 13.53 -0.01 -21.59
C6 MES D . 14.89 -0.04 -22.28
C7 MES D . 11.34 -1.07 -22.11
C8 MES D . 10.78 0.01 -21.18
S MES D . 9.25 -0.40 -20.71
O1S MES D . 9.27 -1.48 -19.68
O2S MES D . 8.49 -0.85 -21.91
O3S MES D . 8.60 0.80 -20.16
CAQ 8LF E . 13.56 -2.68 -28.78
CAR 8LF E . 12.22 -2.45 -28.46
CAS 8LF E . 11.81 -2.36 -27.13
CAT 8LF E . 10.48 -2.16 -26.83
CAU 8LF E . 12.75 -2.47 -26.11
CAV 8LF E . 14.09 -2.68 -26.43
CAP 8LF E . 14.50 -2.75 -27.77
SAM 8LF E . 16.32 -3.05 -28.17
OAN 8LF E . 16.74 -2.30 -29.43
OAO 8LF E . 16.57 -4.54 -28.33
NAL 8LF E . 17.19 -2.53 -26.75
CAK 8LF E . 16.99 -1.23 -26.43
CAW 8LF E . 16.27 -0.37 -27.25
CAX 8LF E . 16.06 0.96 -26.95
CAY 8LF E . 15.29 1.74 -27.81
OAZ 8LF E . 14.79 1.25 -28.82
CBA 8LF E . 15.08 3.07 -27.52
CBB 8LF E . 14.30 3.83 -28.38
CBC 8LF E . 14.08 5.17 -28.10
CAA 8LF E . 14.65 5.75 -26.98
CAB 8LF E . 15.42 4.98 -26.11
CAC 8LF E . 15.65 3.63 -26.38
CAD 8LF E . 16.43 2.86 -25.51
OAE 8LF E . 16.92 3.37 -24.51
CAF 8LF E . 16.64 1.50 -25.81
CAG 8LF E . 17.41 0.67 -24.99
OAH 8LF E . 17.97 1.20 -23.86
CAI 8LF E . 17.63 -0.68 -25.32
OAJ 8LF E . 18.35 -1.48 -24.49
#